data_4TYG
#
_entry.id   4TYG
#
_cell.length_a   159.398
_cell.length_b   159.398
_cell.length_c   92.226
_cell.angle_alpha   90.00
_cell.angle_beta   90.00
_cell.angle_gamma   120.00
#
_symmetry.space_group_name_H-M   'H 3 2'
#
loop_
_entity.id
_entity.type
_entity.pdbx_description
1 polymer 'Fibroblast growth factor receptor 4'
2 non-polymer 'ACETATE ION'
3 water water
#
_entity_poly.entity_id   1
_entity_poly.type   'polypeptide(L)'
_entity_poly.pdbx_seq_one_letter_code
;AMGSAGLVSLDLPLDPLWEFPRDRLVLGKPLGEGCFGQVVRAEAFGMDPARPDQASTVAVKMLKDNASDKDLADLVSEME
VMKLIGRHKNIINLLGVCTQEGPLYVIVECAAKGNLREFLRARRPPGPDLSPDGPRSSEGPLSFPVLVSCAYQVARGMQY
LESRKCIHRDLAARNVLVTEDNVMKIADFGLARGVHHIDYYKKTSNGRLPVKWMAPEALFDRVYTHQSDVWSFGILLWEI
FTLGGSPYPGIPVEELFSLLREGHRMDRPPHCPPELYGLMRECWHAAPSQRPTFKQLVEALDKVLLAVSEE
;
_entity_poly.pdbx_strand_id   A
#
# COMPACT_ATOMS: atom_id res chain seq x y z
N MET A 2 -26.46 10.46 24.05
CA MET A 2 -27.90 10.18 24.28
C MET A 2 -28.35 10.84 25.59
N GLY A 3 -29.43 11.63 25.51
CA GLY A 3 -30.03 12.26 26.69
C GLY A 3 -30.74 11.29 27.62
N SER A 4 -31.35 10.25 27.03
CA SER A 4 -32.04 9.19 27.79
C SER A 4 -31.13 8.47 28.77
N ALA A 5 -29.99 7.97 28.27
CA ALA A 5 -29.05 7.17 29.06
C ALA A 5 -27.93 8.00 29.70
N GLY A 6 -27.58 9.13 29.10
CA GLY A 6 -26.39 9.90 29.49
C GLY A 6 -25.13 9.13 29.14
N LEU A 7 -25.06 8.69 27.88
CA LEU A 7 -24.00 7.80 27.40
C LEU A 7 -22.63 8.50 27.36
N VAL A 8 -21.58 7.73 27.61
CA VAL A 8 -20.22 8.25 27.74
C VAL A 8 -19.52 8.59 26.42
N SER A 9 -19.94 7.96 25.32
CA SER A 9 -19.30 8.15 24.00
C SER A 9 -20.31 8.26 22.86
N LEU A 10 -19.90 8.95 21.79
CA LEU A 10 -20.70 9.07 20.55
C LEU A 10 -20.44 7.89 19.62
N ASP A 11 -21.46 7.51 18.85
CA ASP A 11 -21.43 6.30 18.03
C ASP A 11 -21.13 6.60 16.56
N LEU A 12 -20.42 5.68 15.90
CA LEU A 12 -20.23 5.71 14.44
C LEU A 12 -21.54 5.26 13.76
N PRO A 13 -21.85 5.81 12.56
CA PRO A 13 -23.07 5.41 11.87
C PRO A 13 -23.03 3.98 11.34
N LEU A 14 -24.17 3.28 11.43
CA LEU A 14 -24.28 1.89 10.98
C LEU A 14 -24.48 1.84 9.46
N ASP A 15 -23.57 1.14 8.78
CA ASP A 15 -23.70 0.83 7.35
C ASP A 15 -24.00 -0.68 7.25
N PRO A 16 -25.28 -1.06 7.04
CA PRO A 16 -25.64 -2.49 7.00
C PRO A 16 -24.91 -3.33 5.94
N LEU A 17 -24.55 -2.71 4.83
CA LEU A 17 -23.82 -3.39 3.74
C LEU A 17 -22.45 -3.93 4.18
N TRP A 18 -21.76 -3.18 5.05
CA TRP A 18 -20.40 -3.51 5.51
C TRP A 18 -20.28 -4.05 6.90
N GLU A 19 -21.32 -3.91 7.73
CA GLU A 19 -21.28 -4.33 9.13
C GLU A 19 -21.16 -5.86 9.26
N PHE A 20 -20.11 -6.30 9.96
CA PHE A 20 -19.86 -7.72 10.22
C PHE A 20 -20.10 -8.02 11.70
N PRO A 21 -20.74 -9.17 12.04
CA PRO A 21 -20.96 -9.46 13.47
C PRO A 21 -19.66 -9.65 14.25
N ARG A 22 -19.56 -9.01 15.40
CA ARG A 22 -18.35 -9.05 16.23
C ARG A 22 -18.10 -10.43 16.86
N ASP A 23 -19.17 -11.15 17.17
CA ASP A 23 -19.09 -12.54 17.68
C ASP A 23 -18.51 -13.54 16.66
N ARG A 24 -18.74 -13.27 15.38
CA ARG A 24 -18.23 -14.14 14.29
C ARG A 24 -16.73 -13.93 13.98
N LEU A 25 -16.13 -12.90 14.55
CA LEU A 25 -14.71 -12.58 14.35
C LEU A 25 -13.88 -13.09 15.54
N VAL A 26 -13.23 -14.23 15.37
CA VAL A 26 -12.37 -14.83 16.41
C VAL A 26 -10.94 -14.32 16.26
N LEU A 27 -10.51 -13.43 17.16
CA LEU A 27 -9.20 -12.79 17.09
C LEU A 27 -8.08 -13.75 17.52
N GLY A 28 -7.02 -13.83 16.71
CA GLY A 28 -5.86 -14.69 16.97
C GLY A 28 -4.61 -13.88 17.26
N LYS A 29 -3.47 -14.31 16.70
CA LYS A 29 -2.17 -13.70 16.98
C LYS A 29 -2.00 -12.36 16.24
N PRO A 30 -1.16 -11.44 16.78
CA PRO A 30 -0.95 -10.16 16.08
C PRO A 30 -0.08 -10.27 14.83
N LEU A 31 -0.54 -9.67 13.73
CA LEU A 31 0.27 -9.47 12.52
C LEU A 31 1.23 -8.29 12.69
N GLY A 32 0.80 -7.28 13.44
CA GLY A 32 1.63 -6.12 13.75
C GLY A 32 1.11 -5.33 14.93
N GLU A 33 1.98 -4.51 15.51
CA GLU A 33 1.61 -3.64 16.63
C GLU A 33 2.49 -2.38 16.67
N GLY A 34 1.87 -1.23 16.41
CA GLY A 34 2.50 0.07 16.64
C GLY A 34 2.17 0.59 18.03
N CYS A 35 2.51 1.86 18.27
CA CYS A 35 2.27 2.49 19.58
C CYS A 35 0.80 2.78 19.84
N PHE A 36 0.09 3.23 18.80
CA PHE A 36 -1.31 3.64 18.89
C PHE A 36 -2.30 2.79 18.08
N GLY A 37 -1.77 1.81 17.32
CA GLY A 37 -2.59 0.93 16.49
C GLY A 37 -2.00 -0.46 16.35
N GLN A 38 -2.82 -1.40 15.91
CA GLN A 38 -2.38 -2.78 15.71
C GLN A 38 -3.16 -3.48 14.62
N VAL A 39 -2.62 -4.61 14.15
CA VAL A 39 -3.26 -5.47 13.17
C VAL A 39 -3.23 -6.91 13.70
N VAL A 40 -4.42 -7.47 13.94
CA VAL A 40 -4.57 -8.83 14.49
C VAL A 40 -5.07 -9.79 13.41
N ARG A 41 -4.47 -10.98 13.37
CA ARG A 41 -4.96 -12.08 12.52
C ARG A 41 -6.27 -12.58 13.15
N ALA A 42 -7.22 -12.96 12.31
CA ALA A 42 -8.51 -13.47 12.79
C ALA A 42 -9.19 -14.41 11.81
N GLU A 43 -10.10 -15.23 12.33
CA GLU A 43 -10.93 -16.13 11.53
C GLU A 43 -12.33 -15.55 11.46
N ALA A 44 -12.79 -15.23 10.25
CA ALA A 44 -14.12 -14.65 10.03
C ALA A 44 -15.09 -15.72 9.53
N PHE A 45 -16.03 -16.11 10.39
CA PHE A 45 -17.03 -17.14 10.06
C PHE A 45 -18.22 -16.52 9.33
N GLY A 46 -18.56 -17.10 8.17
CA GLY A 46 -19.67 -16.62 7.35
C GLY A 46 -19.38 -15.31 6.63
N MET A 47 -18.19 -15.20 6.05
CA MET A 47 -17.77 -13.99 5.33
C MET A 47 -18.55 -13.80 4.02
N ASP A 48 -18.94 -14.91 3.39
CA ASP A 48 -19.80 -14.90 2.19
C ASP A 48 -21.20 -15.47 2.53
N PRO A 49 -22.26 -15.03 1.81
CA PRO A 49 -23.65 -15.44 2.11
C PRO A 49 -23.87 -16.95 2.21
N ALA A 50 -23.55 -17.68 1.15
CA ALA A 50 -23.56 -19.15 1.18
C ALA A 50 -22.33 -19.64 1.95
N ARG A 51 -22.40 -20.88 2.45
CA ARG A 51 -21.39 -21.46 3.34
C ARG A 51 -21.25 -20.68 4.67
N PRO A 52 -22.32 -20.67 5.51
CA PRO A 52 -22.16 -20.21 6.90
C PRO A 52 -21.32 -21.17 7.73
N ASP A 53 -20.73 -20.65 8.81
CA ASP A 53 -19.83 -21.41 9.70
C ASP A 53 -18.53 -21.93 9.03
N GLN A 54 -18.15 -21.31 7.91
CA GLN A 54 -16.89 -21.62 7.23
C GLN A 54 -15.89 -20.51 7.58
N ALA A 55 -14.76 -20.90 8.16
CA ALA A 55 -13.76 -19.93 8.63
C ALA A 55 -12.88 -19.46 7.46
N SER A 56 -12.67 -18.15 7.38
CA SER A 56 -11.71 -17.55 6.44
C SER A 56 -10.77 -16.64 7.21
N THR A 57 -9.46 -16.74 6.93
CA THR A 57 -8.44 -15.96 7.62
C THR A 57 -8.42 -14.52 7.10
N VAL A 58 -8.41 -13.56 8.02
CA VAL A 58 -8.40 -12.13 7.68
C VAL A 58 -7.48 -11.34 8.62
N ALA A 59 -7.18 -10.11 8.20
CA ALA A 59 -6.43 -9.14 9.02
C ALA A 59 -7.41 -8.12 9.55
N VAL A 60 -7.32 -7.82 10.85
CA VAL A 60 -8.23 -6.89 11.53
C VAL A 60 -7.45 -5.68 12.05
N LYS A 61 -7.70 -4.51 11.44
CA LYS A 61 -6.99 -3.28 11.74
C LYS A 61 -7.76 -2.50 12.80
N MET A 62 -7.09 -2.12 13.89
CA MET A 62 -7.74 -1.44 15.02
C MET A 62 -6.82 -0.47 15.74
N LEU A 63 -7.41 0.51 16.42
CA LEU A 63 -6.68 1.44 17.28
C LEU A 63 -6.59 0.87 18.69
N LYS A 64 -5.47 1.15 19.36
CA LYS A 64 -5.31 0.83 20.77
C LYS A 64 -5.95 1.94 21.63
N ASP A 65 -6.09 1.69 22.93
CA ASP A 65 -6.77 2.62 23.85
C ASP A 65 -6.08 3.99 23.99
N ASN A 66 -4.76 4.01 23.81
CA ASN A 66 -3.98 5.27 23.88
C ASN A 66 -4.03 6.16 22.62
N ALA A 67 -4.75 5.73 21.59
CA ALA A 67 -4.93 6.53 20.37
C ALA A 67 -5.85 7.73 20.60
N SER A 68 -5.73 8.73 19.73
CA SER A 68 -6.53 9.96 19.81
C SER A 68 -7.74 9.91 18.89
N ASP A 69 -8.60 10.93 19.01
N ASP A 69 -8.61 10.92 18.99
CA ASP A 69 -9.76 11.12 18.13
CA ASP A 69 -9.76 11.06 18.10
C ASP A 69 -9.35 11.45 16.70
C ASP A 69 -9.37 11.46 16.68
N LYS A 70 -8.22 12.14 16.55
CA LYS A 70 -7.57 12.38 15.24
C LYS A 70 -7.23 11.04 14.55
N ASP A 71 -6.63 10.12 15.30
CA ASP A 71 -6.25 8.80 14.78
C ASP A 71 -7.49 7.98 14.35
N LEU A 72 -8.57 8.10 15.12
CA LEU A 72 -9.85 7.45 14.77
C LEU A 72 -10.43 8.03 13.49
N ALA A 73 -10.40 9.36 13.37
CA ALA A 73 -10.85 10.06 12.15
C ALA A 73 -10.05 9.63 10.92
N ASP A 74 -8.76 9.36 11.09
CA ASP A 74 -7.89 8.88 10.01
C ASP A 74 -8.25 7.45 9.57
N LEU A 75 -8.50 6.58 10.55
CA LEU A 75 -8.91 5.20 10.27
C LEU A 75 -10.31 5.13 9.64
N VAL A 76 -11.23 5.93 10.16
CA VAL A 76 -12.59 6.06 9.58
C VAL A 76 -12.52 6.57 8.13
N SER A 77 -11.67 7.56 7.88
CA SER A 77 -11.48 8.11 6.54
C SER A 77 -10.92 7.04 5.58
N GLU A 78 -9.94 6.27 6.04
CA GLU A 78 -9.40 5.13 5.29
C GLU A 78 -10.47 4.07 5.00
N MET A 79 -11.29 3.78 6.01
CA MET A 79 -12.42 2.85 5.87
C MET A 79 -13.37 3.28 4.75
N GLU A 80 -13.79 4.55 4.78
CA GLU A 80 -14.75 5.08 3.80
C GLU A 80 -14.22 5.13 2.35
N VAL A 81 -12.92 5.32 2.18
CA VAL A 81 -12.27 5.23 0.86
C VAL A 81 -12.27 3.79 0.35
N MET A 82 -11.92 2.85 1.24
CA MET A 82 -11.93 1.41 0.93
C MET A 82 -13.32 0.83 0.63
N LYS A 83 -14.38 1.45 1.18
CA LYS A 83 -15.77 1.10 0.83
C LYS A 83 -16.11 1.43 -0.62
N LEU A 84 -15.62 2.57 -1.11
CA LEU A 84 -15.93 3.06 -2.47
C LEU A 84 -15.02 2.51 -3.58
N ILE A 85 -13.85 2.01 -3.23
CA ILE A 85 -12.81 1.67 -4.23
C ILE A 85 -13.15 0.44 -5.08
N GLY A 86 -13.82 -0.55 -4.49
CA GLY A 86 -14.21 -1.75 -5.21
C GLY A 86 -13.14 -2.82 -5.21
N ARG A 87 -13.53 -4.04 -5.56
CA ARG A 87 -12.65 -5.20 -5.47
C ARG A 87 -11.64 -5.26 -6.62
N HIS A 88 -10.38 -5.53 -6.29
CA HIS A 88 -9.35 -5.88 -7.28
C HIS A 88 -8.31 -6.78 -6.65
N LYS A 89 -7.81 -7.72 -7.44
CA LYS A 89 -6.87 -8.75 -6.96
C LYS A 89 -5.61 -8.17 -6.33
N ASN A 90 -5.06 -7.13 -6.96
CA ASN A 90 -3.77 -6.55 -6.58
C ASN A 90 -3.84 -5.33 -5.63
N ILE A 91 -4.93 -5.20 -4.88
CA ILE A 91 -5.01 -4.23 -3.77
C ILE A 91 -5.59 -4.91 -2.53
N ILE A 92 -5.20 -4.43 -1.34
CA ILE A 92 -5.80 -4.86 -0.08
C ILE A 92 -7.24 -4.33 -0.01
N ASN A 93 -8.21 -5.24 -0.10
CA ASN A 93 -9.62 -4.89 -0.10
C ASN A 93 -10.25 -4.99 1.28
N LEU A 94 -11.33 -4.24 1.48
CA LEU A 94 -12.11 -4.31 2.71
C LEU A 94 -13.06 -5.50 2.62
N LEU A 95 -13.07 -6.32 3.68
CA LEU A 95 -13.96 -7.50 3.76
C LEU A 95 -15.17 -7.24 4.66
N GLY A 96 -14.98 -6.48 5.73
CA GLY A 96 -16.06 -6.12 6.65
C GLY A 96 -15.62 -5.10 7.69
N VAL A 97 -16.59 -4.64 8.50
CA VAL A 97 -16.33 -3.66 9.56
C VAL A 97 -17.17 -3.98 10.80
N CYS A 98 -16.62 -3.65 11.98
CA CYS A 98 -17.37 -3.67 13.24
C CYS A 98 -17.37 -2.26 13.83
N THR A 99 -18.47 -1.53 13.64
CA THR A 99 -18.61 -0.14 14.09
C THR A 99 -19.44 0.02 15.37
N GLN A 100 -20.25 -0.98 15.71
CA GLN A 100 -21.27 -0.84 16.76
C GLN A 100 -20.91 -1.63 18.03
N GLU A 101 -21.20 -1.02 19.18
CA GLU A 101 -21.09 -1.67 20.51
C GLU A 101 -19.68 -2.19 20.85
N GLY A 102 -18.68 -1.38 20.50
CA GLY A 102 -17.28 -1.73 20.70
C GLY A 102 -16.33 -0.83 19.91
N PRO A 103 -15.02 -1.10 19.98
CA PRO A 103 -14.05 -0.32 19.20
C PRO A 103 -14.13 -0.66 17.70
N LEU A 104 -13.66 0.26 16.87
CA LEU A 104 -13.70 0.10 15.42
C LEU A 104 -12.73 -1.01 14.98
N TYR A 105 -13.27 -2.04 14.33
CA TYR A 105 -12.46 -3.04 13.62
C TYR A 105 -12.65 -2.83 12.13
N VAL A 106 -11.55 -2.75 11.39
CA VAL A 106 -11.57 -2.69 9.93
C VAL A 106 -10.96 -3.98 9.41
N ILE A 107 -11.82 -4.87 8.90
CA ILE A 107 -11.42 -6.22 8.48
C ILE A 107 -10.99 -6.16 7.02
N VAL A 108 -9.75 -6.55 6.75
CA VAL A 108 -9.15 -6.48 5.42
C VAL A 108 -8.47 -7.80 5.05
N GLU A 109 -8.08 -7.92 3.79
CA GLU A 109 -7.41 -9.13 3.28
C GLU A 109 -6.07 -9.34 3.96
N CYS A 110 -5.72 -10.60 4.20
CA CYS A 110 -4.50 -10.98 4.91
C CYS A 110 -3.35 -11.20 3.92
N ALA A 111 -2.18 -10.63 4.22
CA ALA A 111 -0.96 -10.84 3.45
C ALA A 111 0.15 -11.34 4.38
N ALA A 112 0.35 -12.65 4.39
CA ALA A 112 1.17 -13.34 5.40
C ALA A 112 2.68 -13.08 5.29
N LYS A 113 3.19 -12.92 4.07
CA LYS A 113 4.63 -12.76 3.83
C LYS A 113 5.19 -11.33 4.01
N GLY A 114 4.39 -10.41 4.53
CA GLY A 114 4.84 -9.04 4.82
C GLY A 114 4.93 -8.17 3.57
N ASN A 115 5.64 -7.05 3.68
CA ASN A 115 5.78 -6.10 2.56
C ASN A 115 6.79 -6.59 1.51
N LEU A 116 6.76 -5.96 0.34
CA LEU A 116 7.59 -6.36 -0.80
C LEU A 116 9.10 -6.17 -0.58
N ARG A 117 9.48 -5.11 0.15
CA ARG A 117 10.89 -4.84 0.46
C ARG A 117 11.50 -5.96 1.32
N GLU A 118 10.82 -6.28 2.43
CA GLU A 118 11.25 -7.36 3.34
C GLU A 118 11.22 -8.74 2.67
N PHE A 119 10.23 -8.95 1.80
CA PHE A 119 10.12 -10.15 0.98
C PHE A 119 11.36 -10.34 0.11
N LEU A 120 11.73 -9.29 -0.63
CA LEU A 120 12.88 -9.36 -1.55
C LEU A 120 14.24 -9.43 -0.84
N ARG A 121 14.38 -8.71 0.27
CA ARG A 121 15.63 -8.73 1.06
C ARG A 121 15.90 -10.09 1.71
N ALA A 122 14.84 -10.78 2.13
CA ALA A 122 14.95 -12.14 2.70
C ALA A 122 15.38 -13.19 1.67
N ARG A 123 15.03 -12.99 0.40
CA ARG A 123 15.45 -13.88 -0.70
C ARG A 123 16.63 -13.28 -1.48
N ARG A 124 17.75 -13.10 -0.79
CA ARG A 124 19.01 -12.65 -1.39
C ARG A 124 20.06 -13.77 -1.25
N PRO A 125 20.78 -14.10 -2.34
CA PRO A 125 21.86 -15.10 -2.22
C PRO A 125 23.00 -14.65 -1.32
N PRO A 141 15.90 -18.11 -5.60
CA PRO A 141 14.44 -18.02 -5.63
C PRO A 141 13.92 -16.91 -6.55
N LEU A 142 14.44 -15.69 -6.36
CA LEU A 142 14.02 -14.53 -7.15
C LEU A 142 14.65 -14.52 -8.54
N SER A 143 14.02 -15.28 -9.45
CA SER A 143 14.37 -15.27 -10.87
C SER A 143 13.68 -14.09 -11.57
N PHE A 144 14.02 -13.86 -12.84
CA PHE A 144 13.45 -12.74 -13.60
C PHE A 144 11.92 -12.82 -13.81
N PRO A 145 11.38 -14.02 -14.09
CA PRO A 145 9.91 -14.16 -14.18
C PRO A 145 9.15 -13.73 -12.91
N VAL A 146 9.67 -14.10 -11.74
CA VAL A 146 9.06 -13.74 -10.46
C VAL A 146 9.12 -12.23 -10.20
N LEU A 147 10.29 -11.64 -10.47
CA LEU A 147 10.50 -10.20 -10.28
C LEU A 147 9.68 -9.33 -11.24
N VAL A 148 9.57 -9.76 -12.50
CA VAL A 148 8.76 -9.04 -13.50
C VAL A 148 7.25 -9.20 -13.19
N SER A 149 6.86 -10.34 -12.62
CA SER A 149 5.49 -10.56 -12.17
C SER A 149 5.10 -9.65 -11.00
N CYS A 150 6.04 -9.43 -10.06
CA CYS A 150 5.83 -8.49 -8.96
C CYS A 150 5.57 -7.08 -9.49
N ALA A 151 6.38 -6.66 -10.46
CA ALA A 151 6.23 -5.35 -11.13
C ALA A 151 4.91 -5.24 -11.89
N TYR A 152 4.58 -6.30 -12.63
CA TYR A 152 3.34 -6.38 -13.41
C TYR A 152 2.10 -6.24 -12.52
N GLN A 153 2.06 -7.03 -11.45
CA GLN A 153 0.94 -7.03 -10.51
C GLN A 153 0.70 -5.69 -9.84
N VAL A 154 1.78 -5.01 -9.45
CA VAL A 154 1.71 -3.65 -8.89
C VAL A 154 1.18 -2.67 -9.94
N ALA A 155 1.70 -2.78 -11.17
CA ALA A 155 1.21 -1.99 -12.32
C ALA A 155 -0.29 -2.16 -12.56
N ARG A 156 -0.77 -3.40 -12.49
CA ARG A 156 -2.21 -3.69 -12.61
C ARG A 156 -3.03 -3.11 -11.46
N GLY A 157 -2.47 -3.17 -10.25
CA GLY A 157 -3.09 -2.56 -9.07
C GLY A 157 -3.24 -1.05 -9.24
N MET A 158 -2.17 -0.40 -9.68
CA MET A 158 -2.17 1.04 -9.93
C MET A 158 -3.06 1.44 -11.10
N GLN A 159 -3.14 0.59 -12.13
CA GLN A 159 -4.09 0.79 -13.22
C GLN A 159 -5.53 0.84 -12.71
N TYR A 160 -5.88 -0.09 -11.83
CA TYR A 160 -7.21 -0.11 -11.19
C TYR A 160 -7.46 1.14 -10.33
N LEU A 161 -6.48 1.51 -9.50
CA LEU A 161 -6.62 2.69 -8.63
C LEU A 161 -6.80 3.98 -9.43
N GLU A 162 -6.11 4.11 -10.56
CA GLU A 162 -6.30 5.25 -11.47
C GLU A 162 -7.70 5.27 -12.07
N SER A 163 -8.22 4.11 -12.48
CA SER A 163 -9.55 4.01 -13.09
C SER A 163 -10.68 4.36 -12.10
N ARG A 164 -10.44 4.14 -10.81
CA ARG A 164 -11.37 4.56 -9.73
C ARG A 164 -10.99 5.92 -9.11
N LYS A 165 -10.14 6.69 -9.81
CA LYS A 165 -9.75 8.06 -9.41
C LYS A 165 -9.03 8.15 -8.05
N CYS A 166 -8.24 7.13 -7.72
CA CYS A 166 -7.49 7.06 -6.46
C CYS A 166 -5.99 7.28 -6.69
N ILE A 167 -5.46 8.36 -6.12
CA ILE A 167 -4.02 8.65 -6.13
C ILE A 167 -3.44 8.10 -4.82
N HIS A 168 -2.32 7.38 -4.93
CA HIS A 168 -1.69 6.73 -3.77
C HIS A 168 -0.93 7.70 -2.90
N ARG A 169 -0.06 8.49 -3.53
CA ARG A 169 0.77 9.52 -2.87
C ARG A 169 1.95 9.00 -2.02
N ASP A 170 2.12 7.67 -1.95
CA ASP A 170 3.23 7.04 -1.21
C ASP A 170 3.44 5.59 -1.70
N LEU A 171 3.54 5.42 -3.02
CA LEU A 171 3.79 4.11 -3.61
C LEU A 171 5.26 3.72 -3.39
N ALA A 172 5.47 2.57 -2.76
CA ALA A 172 6.80 2.00 -2.54
C ALA A 172 6.72 0.51 -2.24
N ALA A 173 7.87 -0.14 -2.23
CA ALA A 173 7.95 -1.58 -1.92
C ALA A 173 7.47 -1.90 -0.50
N ARG A 174 7.75 -1.00 0.45
CA ARG A 174 7.24 -1.14 1.84
C ARG A 174 5.71 -1.07 2.00
N ASN A 175 5.01 -0.53 0.99
CA ASN A 175 3.55 -0.43 0.98
C ASN A 175 2.84 -1.40 0.03
N VAL A 176 3.59 -2.26 -0.65
CA VAL A 176 3.03 -3.40 -1.38
C VAL A 176 3.17 -4.63 -0.50
N LEU A 177 2.04 -5.22 -0.10
CA LEU A 177 2.03 -6.45 0.70
C LEU A 177 1.99 -7.70 -0.18
N VAL A 178 2.41 -8.83 0.39
CA VAL A 178 2.58 -10.10 -0.33
C VAL A 178 1.86 -11.24 0.38
N THR A 179 0.97 -11.93 -0.35
CA THR A 179 0.15 -13.02 0.22
C THR A 179 0.94 -14.34 0.27
N GLU A 180 0.30 -15.39 0.80
CA GLU A 180 0.87 -16.74 0.81
C GLU A 180 1.11 -17.32 -0.59
N ASP A 181 0.27 -16.94 -1.55
CA ASP A 181 0.41 -17.37 -2.95
C ASP A 181 1.18 -16.37 -3.83
N ASN A 182 2.06 -15.56 -3.20
CA ASN A 182 2.88 -14.54 -3.89
C ASN A 182 2.09 -13.53 -4.74
N VAL A 183 0.88 -13.19 -4.31
CA VAL A 183 0.07 -12.15 -4.95
C VAL A 183 0.43 -10.81 -4.32
N MET A 184 0.73 -9.81 -5.17
CA MET A 184 1.08 -8.47 -4.70
C MET A 184 -0.18 -7.66 -4.42
N LYS A 185 -0.32 -7.20 -3.17
CA LYS A 185 -1.47 -6.40 -2.72
C LYS A 185 -0.97 -5.01 -2.35
N ILE A 186 -1.39 -3.99 -3.09
CA ILE A 186 -1.04 -2.59 -2.76
C ILE A 186 -1.80 -2.16 -1.49
N ALA A 187 -1.08 -1.65 -0.51
CA ALA A 187 -1.65 -1.15 0.75
C ALA A 187 -1.47 0.37 0.88
N ASP A 188 -2.17 0.94 1.86
CA ASP A 188 -2.09 2.37 2.19
C ASP A 188 -2.49 3.33 1.05
N PHE A 189 -3.33 2.85 0.13
CA PHE A 189 -3.77 3.66 -1.03
C PHE A 189 -4.79 4.74 -0.67
N GLY A 190 -5.57 4.53 0.38
CA GLY A 190 -6.64 5.44 0.78
C GLY A 190 -6.45 6.10 2.13
N LEU A 191 -5.22 6.46 2.47
CA LEU A 191 -4.92 7.17 3.72
C LEU A 191 -5.54 8.57 3.74
N ALA A 192 -5.82 9.07 4.94
CA ALA A 192 -6.42 10.39 5.15
C ALA A 192 -5.48 11.53 4.74
N ARG A 193 -6.07 12.71 4.54
CA ARG A 193 -5.30 13.94 4.24
C ARG A 193 -4.31 14.20 5.37
N GLY A 194 -3.06 14.49 5.01
CA GLY A 194 -1.99 14.76 5.98
C GLY A 194 -0.73 13.97 5.73
N VAL A 195 0.20 14.09 6.68
CA VAL A 195 1.50 13.40 6.63
C VAL A 195 1.86 12.58 7.89
N HIS A 196 1.22 12.88 9.03
CA HIS A 196 1.54 12.24 10.30
C HIS A 196 0.57 11.13 10.64
N HIS A 197 0.61 10.06 9.84
CA HIS A 197 -0.21 8.86 10.10
C HIS A 197 0.48 7.95 11.06
N ILE A 198 -0.28 7.28 11.93
CA ILE A 198 0.29 6.32 12.87
C ILE A 198 0.69 5.03 12.16
N ASP A 199 1.71 4.36 12.69
CA ASP A 199 2.12 3.05 12.19
C ASP A 199 1.32 1.99 12.94
N TYR A 200 0.83 0.99 12.20
CA TYR A 200 0.05 -0.11 12.78
C TYR A 200 0.88 -1.37 13.06
N TYR A 201 2.13 -1.41 12.60
CA TYR A 201 2.93 -2.65 12.56
C TYR A 201 4.13 -2.70 13.50
N LYS A 202 4.88 -1.60 13.60
CA LYS A 202 6.08 -1.56 14.47
C LYS A 202 6.12 -0.32 15.38
N LYS A 203 6.79 -0.46 16.51
CA LYS A 203 6.79 0.54 17.58
C LYS A 203 7.67 1.76 17.28
N THR A 204 8.81 1.55 16.61
CA THR A 204 9.67 2.62 16.12
C THR A 204 9.61 2.60 14.59
N SER A 205 9.16 3.70 13.99
CA SER A 205 8.94 3.78 12.53
C SER A 205 9.46 5.08 11.95
N ASN A 206 9.61 5.10 10.62
CA ASN A 206 10.03 6.28 9.90
C ASN A 206 8.81 7.19 9.66
N GLY A 207 8.76 8.30 10.39
CA GLY A 207 7.70 9.29 10.24
C GLY A 207 7.96 10.33 9.15
N ARG A 208 9.18 10.37 8.62
CA ARG A 208 9.61 11.43 7.69
C ARG A 208 8.91 11.36 6.34
N LEU A 209 9.01 12.46 5.62
CA LEU A 209 8.47 12.57 4.27
C LEU A 209 9.29 11.65 3.35
N PRO A 210 8.64 10.75 2.60
CA PRO A 210 9.38 9.79 1.75
C PRO A 210 9.96 10.44 0.49
N VAL A 211 10.98 11.27 0.69
CA VAL A 211 11.52 12.17 -0.33
C VAL A 211 12.07 11.42 -1.54
N LYS A 212 12.73 10.29 -1.30
CA LYS A 212 13.39 9.50 -2.35
C LYS A 212 12.43 8.72 -3.27
N TRP A 213 11.15 8.70 -2.91
CA TRP A 213 10.08 8.15 -3.76
C TRP A 213 9.22 9.19 -4.46
N MET A 214 9.34 10.46 -4.05
CA MET A 214 8.44 11.51 -4.52
C MET A 214 8.90 12.13 -5.83
N ALA A 215 7.93 12.41 -6.72
CA ALA A 215 8.21 13.12 -7.97
C ALA A 215 8.60 14.59 -7.67
N PRO A 216 9.41 15.23 -8.55
CA PRO A 216 9.85 16.61 -8.34
C PRO A 216 8.73 17.61 -8.04
N GLU A 217 7.65 17.58 -8.83
CA GLU A 217 6.49 18.44 -8.59
C GLU A 217 5.81 18.16 -7.23
N ALA A 218 5.85 16.89 -6.80
CA ALA A 218 5.38 16.49 -5.48
C ALA A 218 6.32 16.97 -4.38
N LEU A 219 7.64 16.91 -4.65
CA LEU A 219 8.65 17.39 -3.70
C LEU A 219 8.60 18.90 -3.50
N PHE A 220 8.70 19.64 -4.60
CA PHE A 220 8.93 21.09 -4.56
C PHE A 220 7.64 21.92 -4.59
N ASP A 221 6.66 21.49 -5.38
CA ASP A 221 5.38 22.21 -5.53
C ASP A 221 4.21 21.55 -4.78
N ARG A 222 4.44 20.36 -4.20
CA ARG A 222 3.40 19.58 -3.49
C ARG A 222 2.18 19.19 -4.34
N VAL A 223 2.38 19.10 -5.65
CA VAL A 223 1.34 18.72 -6.60
C VAL A 223 1.37 17.20 -6.75
N TYR A 224 0.36 16.52 -6.19
CA TYR A 224 0.23 15.07 -6.27
C TYR A 224 -0.82 14.72 -7.33
N THR A 225 -0.42 13.91 -8.31
CA THR A 225 -1.32 13.44 -9.37
C THR A 225 -1.05 11.97 -9.66
N HIS A 226 -1.79 11.39 -10.61
CA HIS A 226 -1.50 10.04 -11.11
C HIS A 226 -0.15 9.96 -11.78
N GLN A 227 0.28 11.07 -12.39
CA GLN A 227 1.60 11.18 -13.02
C GLN A 227 2.73 11.09 -11.99
N SER A 228 2.52 11.64 -10.78
CA SER A 228 3.52 11.56 -9.72
C SER A 228 3.60 10.18 -9.07
N ASP A 229 2.48 9.43 -9.06
CA ASP A 229 2.49 8.01 -8.71
C ASP A 229 3.30 7.17 -9.71
N VAL A 230 3.26 7.54 -10.98
CA VAL A 230 4.06 6.86 -12.02
C VAL A 230 5.56 7.01 -11.77
N TRP A 231 5.99 8.20 -11.35
CA TRP A 231 7.38 8.42 -10.90
C TRP A 231 7.75 7.47 -9.79
N SER A 232 6.88 7.36 -8.79
CA SER A 232 7.10 6.46 -7.65
C SER A 232 7.18 4.98 -8.05
N PHE A 233 6.35 4.58 -9.02
CA PHE A 233 6.40 3.23 -9.59
C PHE A 233 7.76 2.91 -10.20
N GLY A 234 8.37 3.90 -10.85
CA GLY A 234 9.74 3.80 -11.36
C GLY A 234 10.76 3.45 -10.29
N ILE A 235 10.66 4.08 -9.12
N ILE A 235 10.65 4.08 -9.12
CA ILE A 235 11.55 3.78 -7.99
CA ILE A 235 11.51 3.82 -7.98
C ILE A 235 11.26 2.42 -7.38
C ILE A 235 11.25 2.44 -7.39
N LEU A 236 9.98 2.03 -7.38
CA LEU A 236 9.58 0.68 -6.96
C LEU A 236 10.12 -0.40 -7.91
N LEU A 237 10.15 -0.11 -9.21
CA LEU A 237 10.82 -0.98 -10.19
C LEU A 237 12.30 -1.12 -9.89
N TRP A 238 12.96 0.02 -9.60
CA TRP A 238 14.36 0.02 -9.19
C TRP A 238 14.58 -0.77 -7.92
N GLU A 239 13.65 -0.66 -6.96
CA GLU A 239 13.67 -1.48 -5.73
C GLU A 239 13.57 -2.97 -6.01
N ILE A 240 12.70 -3.36 -6.93
CA ILE A 240 12.46 -4.76 -7.27
C ILE A 240 13.70 -5.41 -7.87
N PHE A 241 14.29 -4.78 -8.89
CA PHE A 241 15.44 -5.34 -9.59
C PHE A 241 16.81 -5.06 -8.95
N THR A 242 16.81 -4.35 -7.81
CA THR A 242 17.94 -4.35 -6.86
C THR A 242 17.71 -5.32 -5.67
N LEU A 243 16.58 -6.04 -5.68
CA LEU A 243 16.18 -6.98 -4.62
C LEU A 243 16.01 -6.29 -3.26
N GLY A 244 15.14 -5.27 -3.24
CA GLY A 244 14.87 -4.49 -2.05
C GLY A 244 15.99 -3.54 -1.64
N GLY A 245 16.69 -2.99 -2.64
CA GLY A 245 17.74 -2.01 -2.39
C GLY A 245 17.15 -0.67 -1.99
N SER A 246 17.93 0.11 -1.24
CA SER A 246 17.52 1.46 -0.83
C SER A 246 17.86 2.44 -1.95
N PRO A 247 16.88 3.28 -2.36
CA PRO A 247 17.15 4.20 -3.48
C PRO A 247 18.09 5.35 -3.10
N TYR A 248 18.86 5.80 -4.08
CA TYR A 248 19.91 6.81 -3.90
C TYR A 248 20.82 6.50 -2.70
N PRO A 249 21.54 5.36 -2.74
CA PRO A 249 22.30 4.92 -1.56
C PRO A 249 23.34 5.95 -1.09
N GLY A 250 23.26 6.34 0.18
CA GLY A 250 24.22 7.27 0.80
C GLY A 250 24.23 8.70 0.26
N ILE A 251 23.13 9.13 -0.37
CA ILE A 251 23.00 10.48 -0.89
C ILE A 251 22.12 11.29 0.06
N PRO A 252 22.66 12.35 0.70
CA PRO A 252 21.83 13.18 1.58
C PRO A 252 20.76 13.98 0.83
N VAL A 253 19.74 14.40 1.57
CA VAL A 253 18.56 15.09 1.02
C VAL A 253 18.90 16.38 0.25
N GLU A 254 19.85 17.15 0.78
CA GLU A 254 20.33 18.38 0.11
C GLU A 254 20.98 18.05 -1.24
N GLU A 255 21.82 17.00 -1.25
CA GLU A 255 22.46 16.54 -2.49
C GLU A 255 21.45 15.99 -3.49
N LEU A 256 20.44 15.27 -2.99
CA LEU A 256 19.36 14.72 -3.82
C LEU A 256 18.59 15.79 -4.60
N PHE A 257 18.18 16.86 -3.91
CA PHE A 257 17.44 17.96 -4.57
C PHE A 257 18.27 18.60 -5.67
N SER A 258 19.52 18.91 -5.34
CA SER A 258 20.49 19.45 -6.30
C SER A 258 20.66 18.53 -7.52
N LEU A 259 20.80 17.23 -7.25
CA LEU A 259 21.01 16.21 -8.29
C LEU A 259 19.80 16.06 -9.21
N LEU A 260 18.61 15.98 -8.63
CA LEU A 260 17.35 15.88 -9.40
C LEU A 260 17.11 17.10 -10.29
N ARG A 261 17.41 18.30 -9.77
CA ARG A 261 17.28 19.55 -10.53
C ARG A 261 18.21 19.68 -11.75
N GLU A 262 19.32 18.92 -11.76
CA GLU A 262 20.20 18.83 -12.93
C GLU A 262 19.72 17.85 -14.01
N GLY A 263 18.64 17.10 -13.71
CA GLY A 263 18.13 16.06 -14.61
C GLY A 263 18.68 14.67 -14.35
N HIS A 264 19.54 14.51 -13.34
CA HIS A 264 20.16 13.23 -13.03
C HIS A 264 19.22 12.31 -12.30
N ARG A 265 19.36 11.01 -12.58
CA ARG A 265 18.53 9.97 -11.96
C ARG A 265 19.44 8.81 -11.55
N MET A 266 18.86 7.76 -10.97
CA MET A 266 19.62 6.58 -10.55
C MET A 266 20.14 5.78 -11.75
N ASP A 267 21.30 5.16 -11.56
CA ASP A 267 21.92 4.31 -12.58
C ASP A 267 21.14 3.01 -12.74
N ARG A 268 21.32 2.37 -13.89
CA ARG A 268 20.73 1.05 -14.14
C ARG A 268 21.33 0.04 -13.16
N PRO A 269 20.47 -0.72 -12.43
CA PRO A 269 21.00 -1.76 -11.53
C PRO A 269 21.79 -2.85 -12.29
N PRO A 270 22.73 -3.54 -11.61
CA PRO A 270 23.44 -4.64 -12.27
C PRO A 270 22.51 -5.79 -12.66
N HIS A 271 22.75 -6.40 -13.81
CA HIS A 271 21.93 -7.50 -14.35
C HIS A 271 20.47 -7.14 -14.56
N CYS A 272 20.20 -5.87 -14.85
CA CYS A 272 18.83 -5.38 -15.09
C CYS A 272 18.56 -5.37 -16.59
N PRO A 273 17.45 -6.00 -17.04
CA PRO A 273 17.06 -5.92 -18.46
C PRO A 273 16.93 -4.46 -18.95
N PRO A 274 17.57 -4.12 -20.10
CA PRO A 274 17.52 -2.74 -20.63
C PRO A 274 16.12 -2.13 -20.75
N GLU A 275 15.13 -2.94 -21.14
CA GLU A 275 13.75 -2.49 -21.33
C GLU A 275 13.13 -1.99 -20.02
N LEU A 276 13.38 -2.72 -18.94
CA LEU A 276 12.90 -2.34 -17.61
C LEU A 276 13.48 -1.01 -17.13
N TYR A 277 14.77 -0.79 -17.38
CA TYR A 277 15.40 0.50 -17.06
C TYR A 277 14.88 1.61 -17.97
N GLY A 278 14.59 1.27 -19.22
CA GLY A 278 13.90 2.20 -20.14
C GLY A 278 12.57 2.69 -19.58
N LEU A 279 11.78 1.77 -19.03
CA LEU A 279 10.53 2.13 -18.34
C LEU A 279 10.77 3.02 -17.12
N MET A 280 11.83 2.74 -16.35
CA MET A 280 12.20 3.60 -15.21
C MET A 280 12.53 5.02 -15.66
N ARG A 281 13.34 5.16 -16.71
CA ARG A 281 13.73 6.48 -17.25
C ARG A 281 12.51 7.29 -17.69
N GLU A 282 11.57 6.63 -18.37
CA GLU A 282 10.33 7.29 -18.80
C GLU A 282 9.43 7.65 -17.62
N CYS A 283 9.36 6.77 -16.62
CA CYS A 283 8.72 7.10 -15.33
C CYS A 283 9.39 8.30 -14.66
N TRP A 284 10.71 8.42 -14.79
CA TRP A 284 11.47 9.52 -14.20
C TRP A 284 11.64 10.77 -15.05
N HIS A 285 10.75 10.98 -16.03
CA HIS A 285 10.76 12.23 -16.80
C HIS A 285 10.46 13.42 -15.91
N ALA A 286 11.16 14.52 -16.12
CA ALA A 286 10.91 15.76 -15.37
C ALA A 286 9.50 16.26 -15.66
N ALA A 287 9.17 16.37 -16.94
CA ALA A 287 7.83 16.77 -17.39
C ALA A 287 6.84 15.61 -17.18
N PRO A 288 5.84 15.76 -16.29
CA PRO A 288 4.93 14.64 -16.01
C PRO A 288 4.06 14.19 -17.19
N SER A 289 3.78 15.08 -18.14
CA SER A 289 2.99 14.72 -19.33
C SER A 289 3.70 13.73 -20.27
N GLN A 290 5.03 13.67 -20.19
CA GLN A 290 5.83 12.68 -20.94
C GLN A 290 5.92 11.31 -20.27
N ARG A 291 5.59 11.22 -18.98
CA ARG A 291 5.61 9.93 -18.27
C ARG A 291 4.53 8.99 -18.80
N PRO A 292 4.79 7.68 -18.75
CA PRO A 292 3.80 6.74 -19.26
C PRO A 292 2.62 6.57 -18.31
N THR A 293 1.46 6.21 -18.87
CA THR A 293 0.29 5.86 -18.07
C THR A 293 0.47 4.45 -17.51
N PHE A 294 -0.29 4.11 -16.47
CA PHE A 294 -0.20 2.77 -15.87
C PHE A 294 -0.66 1.67 -16.82
N LYS A 295 -1.64 1.99 -17.68
CA LYS A 295 -2.06 1.11 -18.78
C LYS A 295 -0.90 0.77 -19.71
N GLN A 296 -0.07 1.77 -20.04
CA GLN A 296 1.12 1.56 -20.88
C GLN A 296 2.21 0.73 -20.16
N LEU A 297 2.39 0.97 -18.86
CA LEU A 297 3.31 0.17 -18.03
C LEU A 297 2.88 -1.28 -17.90
N VAL A 298 1.57 -1.51 -17.76
CA VAL A 298 0.99 -2.87 -17.73
C VAL A 298 1.25 -3.59 -19.06
N GLU A 299 0.95 -2.92 -20.17
CA GLU A 299 1.16 -3.46 -21.51
C GLU A 299 2.65 -3.72 -21.81
N ALA A 300 3.52 -2.81 -21.39
CA ALA A 300 4.97 -2.95 -21.57
C ALA A 300 5.55 -4.10 -20.74
N LEU A 301 5.12 -4.21 -19.48
CA LEU A 301 5.57 -5.29 -18.58
C LEU A 301 5.01 -6.66 -18.98
N ASP A 302 3.83 -6.68 -19.61
CA ASP A 302 3.24 -7.91 -20.14
C ASP A 302 4.13 -8.53 -21.23
N LYS A 303 4.69 -7.67 -22.09
CA LYS A 303 5.63 -8.11 -23.13
C LYS A 303 6.93 -8.69 -22.56
N VAL A 304 7.40 -8.14 -21.43
CA VAL A 304 8.60 -8.64 -20.75
C VAL A 304 8.36 -10.02 -20.11
N LEU A 305 7.16 -10.26 -19.59
CA LEU A 305 6.77 -11.59 -19.06
C LEU A 305 6.82 -12.71 -20.12
N LEU A 306 6.40 -12.39 -21.35
CA LEU A 306 6.43 -13.33 -22.47
C LEU A 306 7.87 -13.65 -22.93
N ALA A 307 8.71 -12.63 -23.00
CA ALA A 307 10.12 -12.78 -23.41
C ALA A 307 10.96 -13.50 -22.36
N VAL A 308 10.79 -13.11 -21.09
CA VAL A 308 11.51 -13.72 -19.96
C VAL A 308 10.98 -15.13 -19.65
N SER A 309 9.65 -15.29 -19.70
CA SER A 309 8.96 -16.57 -19.49
C SER A 309 9.16 -17.13 -18.07
#